data_5VWF
#
_entry.id   5VWF
#
_cell.length_a   50.759
_cell.length_b   81.704
_cell.length_c   109.495
_cell.angle_alpha   90.00
_cell.angle_beta   90.00
_cell.angle_gamma   90.00
#
_symmetry.space_group_name_H-M   'P 21 21 21'
#
loop_
_entity.id
_entity.type
_entity.pdbx_description
1 polymer 'MHC class I antigen'
2 polymer Beta-2-microglobulin
3 polymer 'Nonamer peptide: LEU-THR-VAL-GLN-VAL-ALA-ARG-VAL-TYR'
4 water water
#
loop_
_entity_poly.entity_id
_entity_poly.type
_entity_poly.pdbx_seq_one_letter_code
_entity_poly.pdbx_strand_id
1 'polypeptide(L)'
;GSHSMRYFYTAMSRPGRGEPRFIAVGYVDDTQFVRFDSDAASPRMAPRAPWIEQEGPEYWDGETRNMKASAQTYRENLRI
ALRYYNQSEAGSHIIQVMYGCDVGPDGRLLRGHNQYAYDGKDYIALNEDLSSWTAADTAAQITQRKWEAARVAEQLRAYL
EGLCVEWLRRYLENGKETLQRADPPKTHVTHHPISDHEATLRCWALGFYPAEITLTWQRDGEDQTQDTELVETRPAGDRT
FQKWAAVVVPSGEEQRYTCHVQHEGLPKPLTLRWEP
;
A
2 'polypeptide(L)'
;IQRTPKIQVYSRHPAENGKSNFLNCYVSGFHPSDIEVDLLKNGERIEKVEHSDLSFSKDWSFYLLYYTEFTPTEKDEYAC
RVNHVTLSQPKIVKWDRDM
;
B
3 'polypeptide(L)' LTVQVARVY C
#
# COMPACT_ATOMS: atom_id res chain seq x y z
N GLY A 1 9.88 -2.03 -18.46
CA GLY A 1 8.53 -1.63 -18.83
C GLY A 1 8.27 -0.18 -18.48
N SER A 2 7.06 0.09 -18.03
CA SER A 2 6.72 1.45 -17.68
C SER A 2 6.84 1.53 -16.16
N HIS A 3 6.93 2.74 -15.61
CA HIS A 3 7.33 2.84 -14.19
C HIS A 3 6.59 4.04 -13.62
N SER A 4 6.51 4.14 -12.30
CA SER A 4 5.81 5.26 -11.72
C SER A 4 6.52 5.72 -10.49
N MET A 5 6.37 7.01 -10.17
CA MET A 5 6.86 7.47 -8.85
C MET A 5 5.62 8.04 -8.17
N ARG A 6 5.44 7.80 -6.86
CA ARG A 6 4.25 8.29 -6.17
C ARG A 6 4.66 8.72 -4.79
N TYR A 7 4.15 9.85 -4.33
CA TYR A 7 4.25 10.15 -2.90
C TYR A 7 2.84 10.14 -2.30
N PHE A 8 2.76 9.71 -1.03
CA PHE A 8 1.54 9.56 -0.28
C PHE A 8 1.69 10.27 1.04
N TYR A 9 0.83 11.27 1.31
CA TYR A 9 0.88 12.01 2.58
C TYR A 9 -0.38 11.76 3.35
N THR A 10 -0.24 11.58 4.67
CA THR A 10 -1.43 11.46 5.52
C THR A 10 -1.24 12.47 6.63
N ALA A 11 -2.28 13.26 6.93
CA ALA A 11 -2.23 14.28 7.98
C ALA A 11 -3.45 14.02 8.84
N MET A 12 -3.25 13.67 10.12
CA MET A 12 -4.37 13.23 10.95
CA MET A 12 -4.30 13.14 10.99
C MET A 12 -4.43 14.08 12.19
N SER A 13 -5.58 14.75 12.41
CA SER A 13 -5.66 15.56 13.62
C SER A 13 -6.07 14.68 14.83
N ARG A 14 -5.84 15.20 16.04
CA ARG A 14 -6.06 14.43 17.29
C ARG A 14 -6.24 15.47 18.37
N PRO A 15 -7.41 16.13 18.37
CA PRO A 15 -7.64 17.21 19.34
C PRO A 15 -7.40 16.72 20.79
N GLY A 16 -6.66 17.55 21.53
CA GLY A 16 -6.38 17.24 22.93
C GLY A 16 -5.08 16.48 23.05
N ARG A 17 -4.54 16.02 21.91
CA ARG A 17 -3.31 15.19 21.88
C ARG A 17 -2.28 15.80 20.97
N GLY A 18 -2.20 17.12 20.99
CA GLY A 18 -1.17 17.81 20.24
C GLY A 18 -1.56 18.15 18.81
N GLU A 19 -0.57 18.55 18.02
CA GLU A 19 -0.80 18.96 16.63
C GLU A 19 -0.92 17.73 15.70
N PRO A 20 -1.53 17.90 14.51
CA PRO A 20 -1.81 16.72 13.69
C PRO A 20 -0.49 16.01 13.29
N ARG A 21 -0.56 14.70 13.24
CA ARG A 21 0.57 13.89 12.79
C ARG A 21 0.66 13.99 11.27
N PHE A 22 1.86 14.19 10.71
CA PHE A 22 2.01 14.17 9.24
C PHE A 22 3.05 13.08 8.89
N ILE A 23 2.65 12.15 8.01
CA ILE A 23 3.56 11.09 7.52
C ILE A 23 3.60 11.15 6.00
N ALA A 24 4.80 11.08 5.38
CA ALA A 24 4.89 11.08 3.93
C ALA A 24 5.72 9.88 3.56
N VAL A 25 5.33 9.14 2.51
CA VAL A 25 6.22 8.08 2.04
C VAL A 25 6.32 8.23 0.55
N GLY A 26 7.43 7.74 -0.01
CA GLY A 26 7.60 7.87 -1.47
C GLY A 26 7.87 6.47 -2.01
N TYR A 27 7.41 6.18 -3.24
CA TYR A 27 7.57 4.87 -3.85
C TYR A 27 8.06 5.07 -5.26
N VAL A 28 8.93 4.17 -5.76
CA VAL A 28 9.07 4.04 -7.23
C VAL A 28 8.47 2.65 -7.48
N ASP A 29 7.48 2.56 -8.36
CA ASP A 29 6.75 1.30 -8.50
C ASP A 29 6.30 0.78 -7.14
N ASP A 30 6.58 -0.49 -6.80
CA ASP A 30 6.15 -1.06 -5.51
C ASP A 30 7.27 -1.06 -4.47
N THR A 31 8.26 -0.18 -4.64
CA THR A 31 9.43 -0.11 -3.77
C THR A 31 9.43 1.21 -3.00
N GLN A 32 9.23 1.14 -1.68
CA GLN A 32 9.28 2.41 -0.91
C GLN A 32 10.74 2.88 -0.83
N PHE A 33 10.99 4.19 -0.94
CA PHE A 33 12.36 4.65 -0.90
C PHE A 33 12.60 5.75 0.07
N VAL A 34 11.57 6.49 0.49
CA VAL A 34 11.79 7.54 1.53
C VAL A 34 10.61 7.54 2.49
N ARG A 35 10.84 8.02 3.74
CA ARG A 35 9.72 8.29 4.63
C ARG A 35 10.01 9.56 5.44
N PHE A 36 8.94 10.21 5.88
CA PHE A 36 9.02 11.31 6.87
C PHE A 36 7.91 11.15 7.90
N ASP A 37 8.19 11.29 9.22
CA ASP A 37 7.09 11.14 10.18
C ASP A 37 7.26 12.22 11.22
N SER A 38 6.27 13.11 11.34
CA SER A 38 6.40 14.26 12.24
C SER A 38 6.48 13.78 13.67
N ASP A 39 6.06 12.55 13.92
CA ASP A 39 6.10 12.08 15.35
C ASP A 39 7.42 11.43 15.73
N ALA A 40 8.36 11.37 14.80
CA ALA A 40 9.64 10.71 15.12
C ALA A 40 10.40 11.56 16.11
N ALA A 41 11.35 10.97 16.85
CA ALA A 41 12.06 11.77 17.86
C ALA A 41 12.76 12.94 17.18
N SER A 42 13.36 12.70 16.01
CA SER A 42 13.92 13.76 15.18
C SER A 42 13.44 13.62 13.73
N PRO A 43 12.36 14.35 13.36
CA PRO A 43 11.73 14.11 12.03
C PRO A 43 12.69 14.53 10.92
N ARG A 44 12.89 13.64 9.96
CA ARG A 44 13.60 14.08 8.75
C ARG A 44 13.15 13.13 7.63
N MET A 45 13.37 13.54 6.39
CA MET A 45 13.19 12.59 5.29
C MET A 45 14.32 11.61 5.44
N ALA A 46 13.98 10.33 5.51
CA ALA A 46 14.96 9.26 5.71
C ALA A 46 14.90 8.24 4.56
N PRO A 47 16.05 7.65 4.20
CA PRO A 47 16.03 6.60 3.17
C PRO A 47 15.41 5.28 3.58
N ARG A 48 14.77 4.62 2.61
CA ARG A 48 14.18 3.31 2.84
C ARG A 48 14.56 2.30 1.78
N ALA A 49 15.43 2.67 0.85
CA ALA A 49 15.90 1.73 -0.19
C ALA A 49 17.40 2.00 -0.39
N PRO A 50 18.17 0.99 -0.77
CA PRO A 50 19.63 1.26 -0.80
C PRO A 50 20.09 2.26 -1.85
N TRP A 51 19.40 2.31 -2.98
CA TRP A 51 19.85 3.16 -4.07
C TRP A 51 19.61 4.67 -3.84
N ILE A 52 18.82 5.04 -2.82
CA ILE A 52 18.56 6.45 -2.60
C ILE A 52 19.64 6.97 -1.64
N GLU A 53 20.32 6.04 -1.00
CA GLU A 53 21.28 6.42 0.08
C GLU A 53 22.42 7.28 -0.40
N GLN A 54 22.74 7.13 -1.67
CA GLN A 54 23.83 7.89 -2.27
C GLN A 54 23.52 9.36 -2.50
N GLU A 55 22.26 9.79 -2.37
CA GLU A 55 21.99 11.20 -2.48
C GLU A 55 22.72 11.93 -1.36
N GLY A 56 23.16 13.15 -1.65
CA GLY A 56 23.96 13.88 -0.67
C GLY A 56 23.15 14.70 0.31
N PRO A 57 23.86 15.37 1.21
CA PRO A 57 23.20 16.13 2.28
C PRO A 57 22.30 17.22 1.72
N GLU A 58 22.53 17.75 0.54
CA GLU A 58 21.68 18.82 0.04
C GLU A 58 20.28 18.20 -0.24
N TYR A 59 20.30 16.98 -0.69
CA TYR A 59 19.03 16.30 -1.01
C TYR A 59 18.25 16.06 0.27
N TRP A 60 18.89 15.47 1.29
CA TRP A 60 18.20 15.12 2.51
C TRP A 60 17.76 16.35 3.26
N ASP A 61 18.61 17.36 3.23
CA ASP A 61 18.24 18.57 3.93
C ASP A 61 17.07 19.27 3.24
N GLY A 62 17.11 19.36 1.90
CA GLY A 62 16.03 20.00 1.15
C GLY A 62 14.72 19.24 1.34
N GLU A 63 14.77 17.92 1.30
CA GLU A 63 13.53 17.13 1.39
C GLU A 63 12.97 17.26 2.78
N THR A 64 13.84 17.25 3.80
CA THR A 64 13.38 17.45 5.15
C THR A 64 12.75 18.81 5.34
N ARG A 65 13.37 19.87 4.83
CA ARG A 65 12.74 21.21 4.97
C ARG A 65 11.37 21.23 4.29
N ASN A 66 11.31 20.62 3.11
CA ASN A 66 10.04 20.62 2.35
C ASN A 66 8.96 19.84 3.10
N MET A 67 9.32 18.72 3.74
CA MET A 67 8.32 17.93 4.47
C MET A 67 7.86 18.67 5.72
N LYS A 68 8.76 19.41 6.36
CA LYS A 68 8.25 20.21 7.50
C LYS A 68 7.28 21.32 7.08
N ALA A 69 7.63 21.98 5.95
CA ALA A 69 6.78 23.03 5.42
C ALA A 69 5.42 22.45 5.00
N SER A 70 5.45 21.28 4.36
CA SER A 70 4.19 20.62 3.95
C SER A 70 3.38 20.21 5.15
N ALA A 71 4.04 19.74 6.21
CA ALA A 71 3.28 19.34 7.40
C ALA A 71 2.57 20.57 7.97
N GLN A 72 3.26 21.72 7.96
CA GLN A 72 2.56 22.95 8.47
C GLN A 72 1.36 23.34 7.63
N THR A 73 1.55 23.26 6.32
CA THR A 73 0.43 23.56 5.37
C THR A 73 -0.75 22.60 5.54
N TYR A 74 -0.48 21.30 5.61
CA TYR A 74 -1.58 20.35 5.87
C TYR A 74 -2.24 20.46 7.24
N ARG A 75 -1.52 20.93 8.26
CA ARG A 75 -2.19 21.22 9.53
C ARG A 75 -3.19 22.38 9.33
N GLU A 76 -2.72 23.37 8.57
CA GLU A 76 -3.67 24.46 8.26
C GLU A 76 -4.86 23.95 7.43
N ASN A 77 -4.62 23.09 6.46
CA ASN A 77 -5.76 22.60 5.65
C ASN A 77 -6.71 21.83 6.48
N LEU A 78 -6.24 21.09 7.52
CA LEU A 78 -7.22 20.38 8.34
C LEU A 78 -8.13 21.41 9.06
N ARG A 79 -7.51 22.52 9.54
CA ARG A 79 -8.38 23.59 10.17
C ARG A 79 -9.41 24.15 9.18
N ILE A 80 -8.91 24.37 7.95
CA ILE A 80 -9.75 24.94 6.88
C ILE A 80 -10.91 23.99 6.56
N ALA A 81 -10.61 22.71 6.37
CA ALA A 81 -11.63 21.71 6.02
C ALA A 81 -12.64 21.61 7.12
N LEU A 82 -12.22 21.72 8.39
CA LEU A 82 -13.23 21.75 9.45
C LEU A 82 -14.26 22.85 9.23
N ARG A 83 -13.77 24.05 8.91
CA ARG A 83 -14.77 25.08 8.65
C ARG A 83 -15.63 24.75 7.45
N TYR A 84 -15.00 24.28 6.36
CA TYR A 84 -15.74 24.04 5.09
C TYR A 84 -16.87 23.01 5.27
N TYR A 85 -16.72 22.10 6.23
CA TYR A 85 -17.71 21.08 6.46
C TYR A 85 -18.53 21.32 7.73
N ASN A 86 -18.38 22.50 8.32
CA ASN A 86 -19.14 22.90 9.51
C ASN A 86 -18.92 21.91 10.64
N GLN A 87 -17.70 21.43 10.79
CA GLN A 87 -17.46 20.37 11.79
C GLN A 87 -16.89 20.95 13.11
N SER A 88 -17.08 20.22 14.19
CA SER A 88 -16.64 20.72 15.48
C SER A 88 -15.18 20.39 15.69
N GLU A 89 -14.58 21.09 16.65
CA GLU A 89 -13.15 20.92 16.90
C GLU A 89 -12.86 19.70 17.77
N ALA A 90 -13.89 18.96 18.13
CA ALA A 90 -13.71 17.83 19.05
C ALA A 90 -13.28 16.56 18.32
N GLY A 91 -13.48 16.51 17.01
CA GLY A 91 -13.25 15.26 16.31
C GLY A 91 -11.89 15.16 15.62
N SER A 92 -11.47 13.94 15.32
CA SER A 92 -10.23 13.69 14.58
CA SER A 92 -10.22 13.72 14.57
C SER A 92 -10.58 13.45 13.13
N HIS A 93 -9.78 14.01 12.23
CA HIS A 93 -10.05 13.96 10.79
C HIS A 93 -8.76 13.72 10.05
N ILE A 94 -8.88 13.31 8.77
CA ILE A 94 -7.64 12.93 8.06
C ILE A 94 -7.64 13.54 6.68
N ILE A 95 -6.53 14.20 6.30
CA ILE A 95 -6.31 14.53 4.87
C ILE A 95 -5.32 13.57 4.28
N GLN A 96 -5.59 13.09 3.04
CA GLN A 96 -4.60 12.30 2.35
C GLN A 96 -4.32 12.91 1.00
N VAL A 97 -3.06 12.77 0.53
CA VAL A 97 -2.70 13.31 -0.75
C VAL A 97 -1.93 12.22 -1.48
N MET A 98 -2.19 12.01 -2.80
CA MET A 98 -1.24 11.18 -3.53
CA MET A 98 -1.31 11.13 -3.59
C MET A 98 -0.92 11.91 -4.82
N TYR A 99 0.34 11.90 -5.22
CA TYR A 99 0.66 12.56 -6.51
C TYR A 99 1.86 11.86 -7.12
N GLY A 100 2.14 12.11 -8.40
CA GLY A 100 3.36 11.53 -8.95
C GLY A 100 3.16 11.39 -10.45
N CYS A 101 4.04 10.59 -11.08
CA CYS A 101 4.02 10.57 -12.57
C CYS A 101 4.27 9.15 -13.03
N ASP A 102 3.80 8.83 -14.24
CA ASP A 102 4.00 7.49 -14.83
C ASP A 102 4.73 7.75 -16.13
N VAL A 103 5.76 6.94 -16.39
CA VAL A 103 6.58 7.07 -17.61
C VAL A 103 6.61 5.73 -18.37
N GLY A 104 6.78 5.82 -19.69
CA GLY A 104 6.87 4.60 -20.46
C GLY A 104 8.31 4.16 -20.53
N PRO A 105 8.56 3.05 -21.24
CA PRO A 105 9.89 2.46 -21.38
C PRO A 105 10.93 3.47 -21.82
N ASP A 106 10.55 4.43 -22.65
CA ASP A 106 11.50 5.45 -23.06
C ASP A 106 11.65 6.60 -22.09
N GLY A 107 10.91 6.58 -20.99
CA GLY A 107 11.03 7.63 -19.99
C GLY A 107 10.16 8.83 -20.25
N ARG A 108 9.35 8.81 -21.32
CA ARG A 108 8.46 9.92 -21.56
C ARG A 108 7.23 9.83 -20.61
N LEU A 109 6.73 10.99 -20.21
CA LEU A 109 5.57 11.07 -19.36
C LEU A 109 4.35 10.43 -19.98
N LEU A 110 3.72 9.52 -19.25
CA LEU A 110 2.51 8.87 -19.76
C LEU A 110 1.36 9.60 -19.15
N ARG A 111 1.47 9.85 -17.84
CA ARG A 111 0.42 10.69 -17.22
C ARG A 111 0.83 11.15 -15.82
N GLY A 112 0.27 12.28 -15.34
CA GLY A 112 0.54 12.77 -13.98
C GLY A 112 -0.69 12.66 -13.09
N HIS A 113 -0.48 12.77 -11.78
CA HIS A 113 -1.55 12.51 -10.82
C HIS A 113 -1.38 13.47 -9.68
N ASN A 114 -2.41 14.10 -9.12
CA ASN A 114 -2.47 14.90 -7.88
C ASN A 114 -3.93 14.87 -7.35
N GLN A 115 -4.05 14.10 -6.33
CA GLN A 115 -5.41 13.86 -5.85
C GLN A 115 -5.46 13.96 -4.31
N TYR A 116 -6.58 14.45 -3.77
CA TYR A 116 -6.69 14.75 -2.33
C TYR A 116 -7.96 14.11 -1.83
N ALA A 117 -7.91 13.63 -0.57
CA ALA A 117 -9.07 13.08 0.09
C ALA A 117 -9.25 13.72 1.45
N TYR A 118 -10.50 13.64 1.98
CA TYR A 118 -10.79 14.12 3.32
C TYR A 118 -11.63 13.05 3.97
N ASP A 119 -11.20 12.60 5.15
CA ASP A 119 -11.86 11.47 5.82
C ASP A 119 -12.11 10.25 4.92
N GLY A 120 -11.16 9.99 4.02
CA GLY A 120 -11.18 8.75 3.24
C GLY A 120 -12.07 8.86 2.00
N LYS A 121 -12.64 10.04 1.78
CA LYS A 121 -13.46 10.27 0.58
C LYS A 121 -12.79 11.22 -0.37
N ASP A 122 -13.06 11.08 -1.67
CA ASP A 122 -12.46 12.06 -2.59
C ASP A 122 -12.77 13.52 -2.22
N TYR A 123 -11.80 14.41 -2.34
CA TYR A 123 -12.02 15.81 -2.06
C TYR A 123 -11.81 16.63 -3.38
N ILE A 124 -10.59 16.64 -3.92
CA ILE A 124 -10.42 17.34 -5.22
C ILE A 124 -9.32 16.59 -5.96
N ALA A 125 -9.32 16.62 -7.29
CA ALA A 125 -8.30 15.87 -8.04
C ALA A 125 -7.89 16.71 -9.24
N LEU A 126 -6.59 16.74 -9.51
CA LEU A 126 -6.18 17.37 -10.80
C LEU A 126 -6.54 16.44 -11.95
N ASN A 127 -7.14 16.98 -13.01
CA ASN A 127 -7.59 16.07 -14.06
C ASN A 127 -6.40 15.66 -14.94
N GLU A 128 -6.62 14.72 -15.85
CA GLU A 128 -5.50 14.16 -16.62
C GLU A 128 -4.85 15.22 -17.50
N ASP A 129 -5.59 16.27 -17.80
CA ASP A 129 -5.04 17.38 -18.63
C ASP A 129 -4.00 18.22 -17.89
N LEU A 130 -3.87 17.98 -16.58
CA LEU A 130 -3.00 18.75 -15.71
C LEU A 130 -3.30 20.20 -15.76
N SER A 131 -4.55 20.57 -16.02
CA SER A 131 -4.83 21.98 -16.08
C SER A 131 -6.19 22.35 -15.51
N SER A 132 -7.03 21.38 -15.18
CA SER A 132 -8.34 21.64 -14.59
C SER A 132 -8.54 20.68 -13.41
N TRP A 133 -9.57 20.92 -12.62
CA TRP A 133 -9.77 20.18 -11.38
C TRP A 133 -11.15 19.55 -11.35
N THR A 134 -11.29 18.45 -10.63
CA THR A 134 -12.61 17.90 -10.38
C THR A 134 -12.80 17.92 -8.86
N ALA A 135 -13.78 18.67 -8.38
CA ALA A 135 -14.08 18.78 -6.94
C ALA A 135 -15.21 17.86 -6.60
N ALA A 136 -15.12 17.20 -5.45
CA ALA A 136 -16.13 16.16 -5.18
C ALA A 136 -17.40 16.72 -4.55
N ASP A 137 -17.34 17.92 -4.01
CA ASP A 137 -18.49 18.49 -3.31
C ASP A 137 -18.35 20.01 -3.20
N THR A 138 -19.34 20.70 -2.59
CA THR A 138 -19.27 22.17 -2.59
C THR A 138 -18.10 22.77 -1.75
N ALA A 139 -17.64 22.01 -0.76
CA ALA A 139 -16.51 22.50 0.05
C ALA A 139 -15.24 22.53 -0.85
N ALA A 140 -15.08 21.39 -1.54
CA ALA A 140 -13.93 21.30 -2.45
C ALA A 140 -14.01 22.31 -3.57
N GLN A 141 -15.21 22.76 -3.93
CA GLN A 141 -15.31 23.79 -4.95
C GLN A 141 -14.78 25.09 -4.44
N ILE A 142 -14.92 25.33 -3.12
CA ILE A 142 -14.23 26.53 -2.60
C ILE A 142 -12.73 26.47 -2.85
N THR A 143 -12.16 25.30 -2.51
CA THR A 143 -10.70 25.18 -2.82
C THR A 143 -10.40 25.33 -4.32
N GLN A 144 -11.25 24.72 -5.15
CA GLN A 144 -11.06 24.78 -6.58
C GLN A 144 -11.03 26.24 -7.02
N ARG A 145 -11.96 27.05 -6.52
CA ARG A 145 -11.96 28.45 -7.00
C ARG A 145 -10.70 29.14 -6.54
N LYS A 146 -10.21 28.83 -5.33
CA LYS A 146 -8.91 29.44 -4.94
C LYS A 146 -7.73 28.99 -5.79
N TRP A 147 -7.67 27.72 -6.16
CA TRP A 147 -6.54 27.20 -6.90
C TRP A 147 -6.58 27.66 -8.36
N GLU A 148 -7.78 27.81 -8.87
CA GLU A 148 -7.95 28.37 -10.19
C GLU A 148 -7.48 29.80 -10.20
N ALA A 149 -7.89 30.60 -9.20
CA ALA A 149 -7.42 32.00 -9.13
C ALA A 149 -5.87 32.11 -9.02
N ALA A 150 -5.24 31.17 -8.33
CA ALA A 150 -3.79 31.22 -8.11
C ALA A 150 -3.01 30.45 -9.20
N ARG A 151 -3.70 29.89 -10.18
CA ARG A 151 -3.05 29.05 -11.18
C ARG A 151 -2.16 27.90 -10.60
N VAL A 152 -2.70 27.20 -9.63
CA VAL A 152 -1.98 26.11 -9.00
C VAL A 152 -1.73 24.97 -10.00
N ALA A 153 -2.71 24.72 -10.90
CA ALA A 153 -2.55 23.58 -11.81
C ALA A 153 -1.32 23.77 -12.71
N GLU A 154 -1.04 25.01 -13.09
CA GLU A 154 0.17 25.30 -13.90
C GLU A 154 1.45 24.91 -13.16
N GLN A 155 1.46 25.12 -11.84
CA GLN A 155 2.67 24.82 -11.09
C GLN A 155 2.83 23.33 -10.94
N LEU A 156 1.73 22.65 -10.66
CA LEU A 156 1.79 21.17 -10.63
C LEU A 156 2.17 20.55 -11.96
N ARG A 157 1.63 21.08 -13.06
CA ARG A 157 1.90 20.51 -14.36
C ARG A 157 3.41 20.66 -14.59
N ALA A 158 3.94 21.80 -14.18
CA ALA A 158 5.40 22.02 -14.37
C ALA A 158 6.25 21.01 -13.56
N TYR A 159 5.79 20.72 -12.34
CA TYR A 159 6.50 19.68 -11.57
C TYR A 159 6.35 18.29 -12.21
N LEU A 160 5.12 17.93 -12.59
CA LEU A 160 4.84 16.58 -13.06
C LEU A 160 5.53 16.26 -14.39
N GLU A 161 5.63 17.26 -15.28
CA GLU A 161 6.26 17.05 -16.58
C GLU A 161 7.77 17.24 -16.53
N GLY A 162 8.25 17.88 -15.48
CA GLY A 162 9.66 18.27 -15.33
C GLY A 162 10.37 17.41 -14.28
N LEU A 163 10.52 17.95 -13.10
CA LEU A 163 11.26 17.32 -12.04
C LEU A 163 10.76 15.95 -11.74
N CYS A 164 9.45 15.70 -11.82
CA CYS A 164 8.96 14.38 -11.39
C CYS A 164 9.53 13.29 -12.33
N VAL A 165 9.47 13.57 -13.64
CA VAL A 165 9.92 12.61 -14.59
C VAL A 165 11.44 12.50 -14.52
N GLU A 166 12.11 13.63 -14.32
CA GLU A 166 13.59 13.66 -14.32
C GLU A 166 14.13 12.87 -13.15
N TRP A 167 13.59 13.12 -11.96
CA TRP A 167 14.00 12.42 -10.76
C TRP A 167 13.61 10.95 -10.84
N LEU A 168 12.44 10.62 -11.38
CA LEU A 168 12.14 9.22 -11.53
C LEU A 168 13.15 8.51 -12.45
N ARG A 169 13.55 9.17 -13.54
CA ARG A 169 14.53 8.55 -14.43
C ARG A 169 15.84 8.34 -13.70
N ARG A 170 16.23 9.31 -12.89
CA ARG A 170 17.46 9.16 -12.12
C ARG A 170 17.41 8.00 -11.12
N TYR A 171 16.30 7.87 -10.40
CA TYR A 171 16.10 6.76 -9.47
C TYR A 171 16.13 5.43 -10.19
N LEU A 172 15.47 5.36 -11.36
CA LEU A 172 15.45 4.12 -12.12
C LEU A 172 16.86 3.71 -12.51
N GLU A 173 17.68 4.68 -12.91
CA GLU A 173 19.10 4.32 -13.21
C GLU A 173 19.89 3.92 -11.98
N ASN A 174 19.77 4.68 -10.89
CA ASN A 174 20.56 4.34 -9.70
C ASN A 174 20.11 3.03 -9.10
N GLY A 175 18.81 2.74 -9.21
CA GLY A 175 18.31 1.46 -8.72
C GLY A 175 18.09 0.39 -9.78
N LYS A 176 18.79 0.45 -10.92
CA LYS A 176 18.42 -0.41 -12.03
C LYS A 176 18.55 -1.94 -11.68
N GLU A 177 19.39 -2.31 -10.70
CA GLU A 177 19.53 -3.74 -10.41
C GLU A 177 18.27 -4.33 -9.83
N THR A 178 17.41 -3.47 -9.27
CA THR A 178 16.22 -3.95 -8.57
C THR A 178 14.96 -3.34 -9.17
N LEU A 179 14.95 -2.02 -9.40
CA LEU A 179 13.74 -1.42 -9.91
C LEU A 179 13.50 -1.92 -11.32
N GLN A 180 14.55 -2.29 -12.04
CA GLN A 180 14.36 -2.77 -13.40
C GLN A 180 14.49 -4.29 -13.51
N ARG A 181 14.22 -4.99 -12.43
CA ARG A 181 14.26 -6.46 -12.47
C ARG A 181 12.90 -6.94 -12.04
N ALA A 182 12.25 -7.73 -12.89
CA ALA A 182 11.01 -8.40 -12.43
C ALA A 182 11.35 -9.79 -11.93
N ASP A 183 10.85 -10.18 -10.77
CA ASP A 183 11.05 -11.58 -10.27
C ASP A 183 9.76 -12.31 -10.52
N PRO A 184 9.80 -13.43 -11.24
CA PRO A 184 8.52 -14.09 -11.53
C PRO A 184 8.06 -14.88 -10.32
N PRO A 185 6.78 -15.21 -10.30
CA PRO A 185 6.23 -15.97 -9.19
C PRO A 185 6.71 -17.44 -9.21
N LYS A 186 6.96 -18.00 -8.05
CA LYS A 186 7.06 -19.46 -7.90
C LYS A 186 5.65 -19.95 -7.63
N THR A 187 5.17 -20.91 -8.42
CA THR A 187 3.75 -21.24 -8.32
C THR A 187 3.56 -22.69 -7.99
N HIS A 188 2.52 -23.00 -7.24
CA HIS A 188 2.09 -24.40 -7.05
C HIS A 188 0.63 -24.48 -6.69
N VAL A 189 0.05 -25.67 -6.81
CA VAL A 189 -1.36 -25.87 -6.47
C VAL A 189 -1.45 -26.84 -5.29
N THR A 190 -2.26 -26.51 -4.29
CA THR A 190 -2.48 -27.44 -3.19
C THR A 190 -3.94 -27.93 -3.24
N HIS A 191 -4.19 -29.07 -2.59
CA HIS A 191 -5.50 -29.70 -2.64
C HIS A 191 -5.83 -30.11 -1.23
N HIS A 192 -7.02 -29.75 -0.77
CA HIS A 192 -7.41 -30.22 0.55
C HIS A 192 -8.88 -30.56 0.54
N PRO A 193 -9.23 -31.82 0.84
CA PRO A 193 -10.65 -32.21 0.87
C PRO A 193 -11.33 -31.40 1.93
N ILE A 194 -12.54 -30.96 1.67
CA ILE A 194 -13.29 -30.35 2.75
C ILE A 194 -14.36 -31.32 3.25
N SER A 195 -14.72 -32.26 2.41
CA SER A 195 -15.71 -33.25 2.76
C SER A 195 -15.47 -34.41 1.81
N ASP A 196 -16.29 -35.47 1.89
CA ASP A 196 -16.16 -36.59 0.94
C ASP A 196 -16.50 -36.23 -0.55
N HIS A 197 -17.20 -35.14 -0.79
CA HIS A 197 -17.52 -34.80 -2.16
C HIS A 197 -17.06 -33.42 -2.66
N GLU A 198 -16.30 -32.69 -1.83
CA GLU A 198 -15.71 -31.40 -2.27
C GLU A 198 -14.32 -31.27 -1.81
N ALA A 199 -13.51 -30.56 -2.62
CA ALA A 199 -12.12 -30.30 -2.21
C ALA A 199 -11.80 -28.85 -2.59
N THR A 200 -10.89 -28.22 -1.85
CA THR A 200 -10.42 -26.91 -2.25
C THR A 200 -9.13 -27.08 -3.02
N LEU A 201 -9.03 -26.38 -4.17
CA LEU A 201 -7.75 -26.29 -4.90
C LEU A 201 -7.31 -24.86 -4.71
N ARG A 202 -6.04 -24.69 -4.36
CA ARG A 202 -5.58 -23.32 -4.10
C ARG A 202 -4.31 -23.16 -4.90
N CYS A 203 -4.28 -22.15 -5.72
CA CYS A 203 -3.17 -21.84 -6.59
C CYS A 203 -2.37 -20.73 -5.89
N TRP A 204 -1.08 -20.98 -5.65
CA TRP A 204 -0.25 -20.03 -4.92
C TRP A 204 0.76 -19.38 -5.85
N ALA A 205 1.04 -18.07 -5.61
CA ALA A 205 2.14 -17.37 -6.31
C ALA A 205 2.96 -16.75 -5.22
N LEU A 206 4.28 -16.97 -5.20
CA LEU A 206 5.11 -16.43 -4.12
C LEU A 206 6.37 -15.83 -4.70
N GLY A 207 6.94 -14.86 -3.99
CA GLY A 207 8.28 -14.40 -4.35
C GLY A 207 8.33 -13.48 -5.56
N PHE A 208 7.20 -12.90 -5.96
CA PHE A 208 7.19 -12.10 -7.20
C PHE A 208 7.32 -10.59 -6.96
N TYR A 209 7.80 -9.89 -7.99
CA TYR A 209 7.89 -8.42 -7.99
C TYR A 209 7.87 -8.02 -9.47
N PRO A 210 7.04 -7.04 -9.84
CA PRO A 210 6.25 -6.19 -8.97
C PRO A 210 4.99 -6.85 -8.53
N ALA A 211 4.13 -6.11 -7.82
CA ALA A 211 3.00 -6.72 -7.13
C ALA A 211 1.91 -7.13 -8.13
N GLU A 212 1.82 -6.44 -9.26
CA GLU A 212 0.72 -6.72 -10.18
C GLU A 212 0.80 -8.16 -10.72
N ILE A 213 -0.32 -8.88 -10.63
CA ILE A 213 -0.34 -10.29 -11.03
C ILE A 213 -1.76 -10.66 -11.36
N THR A 214 -1.97 -11.64 -12.23
CA THR A 214 -3.34 -12.14 -12.40
C THR A 214 -3.35 -13.63 -12.16
N LEU A 215 -4.20 -14.08 -11.25
CA LEU A 215 -4.33 -15.54 -10.99
C LEU A 215 -5.77 -15.87 -11.25
N THR A 216 -6.03 -16.83 -12.14
CA THR A 216 -7.42 -17.18 -12.49
C THR A 216 -7.61 -18.69 -12.52
N TRP A 217 -8.79 -19.17 -12.13
CA TRP A 217 -9.08 -20.60 -12.22
C TRP A 217 -10.04 -20.75 -13.36
N GLN A 218 -9.79 -21.72 -14.23
CA GLN A 218 -10.78 -22.11 -15.25
C GLN A 218 -11.27 -23.50 -14.98
N ARG A 219 -12.55 -23.75 -15.26
CA ARG A 219 -13.05 -25.12 -15.20
C ARG A 219 -13.43 -25.42 -16.62
N ASP A 220 -12.92 -26.53 -17.16
CA ASP A 220 -13.18 -26.85 -18.56
C ASP A 220 -12.93 -25.63 -19.48
N GLY A 221 -11.88 -24.87 -19.22
CA GLY A 221 -11.48 -23.79 -20.15
C GLY A 221 -12.25 -22.49 -19.97
N GLU A 222 -13.16 -22.44 -18.99
CA GLU A 222 -13.93 -21.23 -18.75
C GLU A 222 -13.62 -20.57 -17.39
N ASP A 223 -13.41 -19.24 -17.36
CA ASP A 223 -13.06 -18.61 -16.09
C ASP A 223 -14.11 -18.78 -15.03
N GLN A 224 -13.68 -19.00 -13.80
CA GLN A 224 -14.53 -19.23 -12.68
C GLN A 224 -14.52 -17.99 -11.75
N THR A 225 -14.71 -16.81 -12.35
CA THR A 225 -14.60 -15.54 -11.63
C THR A 225 -15.52 -15.42 -10.47
N GLN A 226 -16.79 -15.66 -10.70
CA GLN A 226 -17.73 -15.55 -9.59
C GLN A 226 -17.45 -16.60 -8.53
N ASP A 227 -16.81 -17.69 -8.91
CA ASP A 227 -16.66 -18.73 -7.93
C ASP A 227 -15.28 -18.84 -7.25
N THR A 228 -14.39 -17.92 -7.59
CA THR A 228 -13.02 -17.98 -7.02
C THR A 228 -12.84 -17.06 -5.83
N GLU A 229 -12.21 -17.56 -4.76
CA GLU A 229 -11.81 -16.73 -3.64
C GLU A 229 -10.40 -16.29 -3.89
N LEU A 230 -10.21 -14.97 -3.98
CA LEU A 230 -8.89 -14.39 -4.24
C LEU A 230 -8.48 -13.57 -3.00
N VAL A 231 -7.32 -13.82 -2.39
CA VAL A 231 -6.92 -12.95 -1.29
C VAL A 231 -6.21 -11.74 -1.90
N GLU A 232 -6.15 -10.65 -1.13
CA GLU A 232 -5.41 -9.49 -1.54
C GLU A 232 -3.91 -9.84 -1.64
N THR A 233 -3.25 -9.27 -2.65
CA THR A 233 -1.80 -9.45 -2.80
C THR A 233 -1.14 -8.85 -1.57
N ARG A 234 -0.18 -9.55 -1.00
CA ARG A 234 0.39 -9.18 0.31
C ARG A 234 1.90 -9.20 0.26
N PRO A 235 2.57 -8.34 1.04
CA PRO A 235 4.01 -8.18 0.98
C PRO A 235 4.71 -9.24 1.84
N ALA A 236 5.77 -9.86 1.32
CA ALA A 236 6.48 -10.85 2.11
C ALA A 236 7.41 -10.18 3.10
N GLY A 237 7.85 -8.97 2.80
CA GLY A 237 8.79 -8.25 3.64
C GLY A 237 10.22 -8.25 3.14
N ASP A 238 10.44 -8.90 2.00
CA ASP A 238 11.80 -9.00 1.43
C ASP A 238 11.76 -8.40 0.05
N ARG A 239 10.82 -7.50 -0.15
CA ARG A 239 10.49 -6.80 -1.43
C ARG A 239 9.43 -7.51 -2.24
N THR A 240 9.26 -8.84 -2.10
CA THR A 240 8.40 -9.56 -3.02
C THR A 240 6.97 -9.66 -2.45
N PHE A 241 6.05 -10.21 -3.24
CA PHE A 241 4.63 -10.29 -2.86
C PHE A 241 4.17 -11.69 -2.97
N GLN A 242 2.99 -11.97 -2.40
CA GLN A 242 2.42 -13.27 -2.42
C GLN A 242 0.92 -13.11 -2.75
N LYS A 243 0.34 -14.15 -3.33
CA LYS A 243 -1.13 -14.16 -3.55
C LYS A 243 -1.57 -15.59 -3.72
N TRP A 244 -2.81 -15.88 -3.40
CA TRP A 244 -3.41 -17.12 -3.84
C TRP A 244 -4.84 -16.98 -4.32
N ALA A 245 -5.33 -18.01 -5.02
CA ALA A 245 -6.72 -18.03 -5.51
C ALA A 245 -7.26 -19.40 -5.26
N ALA A 246 -8.49 -19.53 -4.74
CA ALA A 246 -8.96 -20.86 -4.41
C ALA A 246 -10.33 -21.10 -5.00
N VAL A 247 -10.60 -22.35 -5.34
CA VAL A 247 -11.92 -22.73 -5.86
C VAL A 247 -12.34 -24.03 -5.13
N VAL A 248 -13.63 -24.19 -4.88
CA VAL A 248 -14.13 -25.42 -4.29
C VAL A 248 -14.69 -26.27 -5.39
N VAL A 249 -14.18 -27.49 -5.53
CA VAL A 249 -14.54 -28.31 -6.69
C VAL A 249 -15.10 -29.66 -6.25
N PRO A 250 -15.91 -30.29 -7.09
CA PRO A 250 -16.44 -31.62 -6.74
C PRO A 250 -15.34 -32.67 -6.74
N SER A 251 -15.30 -33.53 -5.73
CA SER A 251 -14.32 -34.63 -5.73
C SER A 251 -14.39 -35.42 -7.01
N GLY A 252 -13.21 -35.75 -7.53
CA GLY A 252 -13.11 -36.47 -8.78
C GLY A 252 -13.14 -35.58 -10.00
N GLU A 253 -13.36 -34.26 -9.84
CA GLU A 253 -13.30 -33.36 -11.00
C GLU A 253 -12.08 -32.46 -10.97
N GLU A 254 -11.10 -32.76 -10.10
CA GLU A 254 -9.97 -31.84 -9.97
C GLU A 254 -9.25 -31.57 -11.26
N GLN A 255 -9.16 -32.55 -12.15
CA GLN A 255 -8.35 -32.32 -13.34
C GLN A 255 -9.06 -31.47 -14.38
N ARG A 256 -10.34 -31.12 -14.15
CA ARG A 256 -11.00 -30.19 -15.06
C ARG A 256 -10.64 -28.73 -14.73
N TYR A 257 -9.84 -28.52 -13.69
CA TYR A 257 -9.52 -27.16 -13.27
C TYR A 257 -8.08 -26.82 -13.56
N THR A 258 -7.86 -25.64 -14.13
CA THR A 258 -6.52 -25.18 -14.38
C THR A 258 -6.34 -23.76 -13.88
N CYS A 259 -5.15 -23.47 -13.37
CA CYS A 259 -4.86 -22.15 -12.77
C CYS A 259 -3.99 -21.46 -13.78
N HIS A 260 -4.33 -20.22 -14.11
CA HIS A 260 -3.54 -19.46 -15.06
C HIS A 260 -2.92 -18.27 -14.37
N VAL A 261 -1.62 -18.06 -14.65
CA VAL A 261 -0.86 -17.02 -13.95
C VAL A 261 -0.26 -16.07 -14.97
N GLN A 262 -0.51 -14.78 -14.81
CA GLN A 262 0.13 -13.80 -15.70
C GLN A 262 0.94 -12.86 -14.82
N HIS A 263 2.19 -12.62 -15.21
CA HIS A 263 3.06 -11.73 -14.43
C HIS A 263 4.09 -11.21 -15.39
N GLU A 264 4.54 -9.97 -15.19
CA GLU A 264 5.56 -9.33 -16.01
C GLU A 264 6.86 -10.13 -16.11
N GLY A 265 7.19 -10.87 -15.06
CA GLY A 265 8.39 -11.68 -14.99
C GLY A 265 8.34 -13.00 -15.77
N LEU A 266 7.17 -13.39 -16.25
CA LEU A 266 7.02 -14.57 -17.06
C LEU A 266 7.01 -14.17 -18.57
N PRO A 267 7.81 -14.88 -19.38
CA PRO A 267 7.81 -14.71 -20.84
C PRO A 267 6.41 -15.00 -21.41
N LYS A 268 5.77 -16.06 -20.90
CA LYS A 268 4.40 -16.39 -21.33
C LYS A 268 3.56 -16.79 -20.12
N PRO A 269 2.24 -16.61 -20.18
CA PRO A 269 1.41 -17.03 -19.03
C PRO A 269 1.55 -18.50 -18.72
N LEU A 270 1.42 -18.84 -17.45
CA LEU A 270 1.63 -20.21 -16.96
C LEU A 270 0.27 -20.84 -16.74
N THR A 271 0.17 -22.12 -17.00
CA THR A 271 -1.03 -22.90 -16.68
C THR A 271 -0.55 -24.01 -15.76
N LEU A 272 -1.19 -24.19 -14.60
CA LEU A 272 -0.80 -25.30 -13.76
C LEU A 272 -2.01 -26.04 -13.22
N ARG A 273 -1.83 -27.29 -12.79
CA ARG A 273 -2.97 -28.08 -12.29
C ARG A 273 -2.51 -28.74 -11.02
N TRP A 274 -3.43 -29.36 -10.31
CA TRP A 274 -3.05 -30.11 -9.10
C TRP A 274 -2.32 -31.34 -9.59
N GLU A 275 -1.14 -31.61 -9.03
CA GLU A 275 -0.41 -32.82 -9.45
C GLU A 275 -0.36 -33.72 -8.25
N PRO A 276 -1.24 -34.73 -8.21
CA PRO A 276 -1.28 -35.65 -7.08
C PRO A 276 0.02 -36.47 -7.02
N ILE B 1 -18.08 6.44 6.27
CA ILE B 1 -17.14 7.08 7.19
C ILE B 1 -15.98 6.08 7.62
N GLN B 2 -16.28 4.87 8.13
CA GLN B 2 -15.19 4.01 8.59
C GLN B 2 -15.11 2.65 7.96
N ARG B 3 -13.89 2.11 7.86
CA ARG B 3 -13.70 0.84 7.16
C ARG B 3 -12.88 -0.11 8.01
N THR B 4 -13.31 -1.35 8.08
CA THR B 4 -12.75 -2.27 9.04
C THR B 4 -11.59 -3.02 8.37
N PRO B 5 -10.57 -3.36 9.16
CA PRO B 5 -9.42 -4.01 8.51
C PRO B 5 -9.64 -5.45 8.02
N LYS B 6 -8.97 -5.76 6.91
CA LYS B 6 -8.72 -7.11 6.42
C LYS B 6 -7.43 -7.52 7.06
N ILE B 7 -7.30 -8.80 7.43
CA ILE B 7 -6.16 -9.25 8.21
C ILE B 7 -5.68 -10.57 7.59
N GLN B 8 -4.40 -10.65 7.27
CA GLN B 8 -3.78 -11.92 6.86
C GLN B 8 -2.58 -12.16 7.75
N VAL B 9 -2.42 -13.40 8.24
CA VAL B 9 -1.24 -13.76 9.02
C VAL B 9 -0.55 -14.90 8.28
N TYR B 10 0.75 -14.78 8.09
CA TYR B 10 1.44 -15.71 7.18
C TYR B 10 2.92 -15.58 7.38
N SER B 11 3.70 -16.49 6.80
CA SER B 11 5.16 -16.33 6.94
C SER B 11 5.85 -15.79 5.68
N ARG B 12 7.04 -15.26 5.87
CA ARG B 12 7.75 -14.69 4.72
C ARG B 12 8.12 -15.79 3.72
N HIS B 13 8.61 -16.91 4.26
CA HIS B 13 9.01 -18.08 3.45
C HIS B 13 8.15 -19.24 3.92
N PRO B 14 7.95 -20.26 3.07
CA PRO B 14 7.19 -21.44 3.50
C PRO B 14 7.75 -22.00 4.83
N ALA B 15 6.91 -22.43 5.75
CA ALA B 15 7.46 -22.75 7.08
C ALA B 15 8.07 -24.15 7.14
N GLU B 16 9.22 -24.23 7.81
CA GLU B 16 9.92 -25.50 8.08
C GLU B 16 10.33 -25.46 9.56
N ASN B 17 9.85 -26.41 10.38
CA ASN B 17 10.19 -26.43 11.82
C ASN B 17 11.68 -26.36 12.10
N GLY B 18 12.06 -25.48 13.03
CA GLY B 18 13.46 -25.23 13.34
C GLY B 18 14.24 -24.39 12.35
N LYS B 19 13.55 -23.75 11.40
CA LYS B 19 14.26 -22.91 10.44
C LYS B 19 13.83 -21.44 10.58
N SER B 20 14.78 -20.52 10.67
CA SER B 20 14.43 -19.12 10.92
C SER B 20 13.57 -18.55 9.78
N ASN B 21 12.62 -17.68 10.15
CA ASN B 21 11.62 -17.19 9.23
C ASN B 21 11.13 -15.83 9.77
N PHE B 22 10.13 -15.25 9.10
CA PHE B 22 9.46 -14.06 9.62
C PHE B 22 7.98 -14.33 9.68
N LEU B 23 7.34 -13.96 10.79
CA LEU B 23 5.89 -14.02 10.88
C LEU B 23 5.32 -12.63 10.58
N ASN B 24 4.36 -12.56 9.66
CA ASN B 24 3.74 -11.32 9.18
C ASN B 24 2.29 -11.25 9.53
N CYS B 25 1.86 -10.05 9.92
CA CYS B 25 0.45 -9.80 9.98
C CYS B 25 0.22 -8.56 9.09
N TYR B 26 -0.55 -8.70 8.00
CA TYR B 26 -0.78 -7.59 7.07
C TYR B 26 -2.17 -7.12 7.27
N VAL B 27 -2.32 -5.88 7.72
CA VAL B 27 -3.67 -5.33 7.87
C VAL B 27 -3.92 -4.28 6.79
N SER B 28 -5.10 -4.33 6.15
CA SER B 28 -5.29 -3.45 5.00
C SER B 28 -6.73 -3.09 4.84
N GLY B 29 -7.02 -2.10 4.01
CA GLY B 29 -8.43 -1.81 3.80
C GLY B 29 -9.12 -1.01 4.85
N PHE B 30 -8.38 -0.49 5.83
CA PHE B 30 -9.03 0.14 6.98
C PHE B 30 -8.99 1.68 6.95
N HIS B 31 -9.93 2.30 7.64
CA HIS B 31 -9.98 3.78 7.76
C HIS B 31 -10.86 4.11 8.98
N PRO B 32 -10.38 4.95 9.93
CA PRO B 32 -9.13 5.71 9.93
C PRO B 32 -7.85 4.90 10.22
N SER B 33 -6.72 5.58 10.45
CA SER B 33 -5.44 4.91 10.39
C SER B 33 -5.04 4.32 11.72
N ASP B 34 -5.60 4.83 12.81
CA ASP B 34 -5.20 4.30 14.13
C ASP B 34 -5.60 2.83 14.21
N ILE B 35 -4.66 2.00 14.60
CA ILE B 35 -4.96 0.57 14.69
C ILE B 35 -4.01 -0.01 15.73
N GLU B 36 -4.42 -1.09 16.35
CA GLU B 36 -3.55 -1.73 17.35
C GLU B 36 -3.33 -3.16 16.87
N VAL B 37 -2.09 -3.55 16.64
CA VAL B 37 -1.81 -4.89 16.13
C VAL B 37 -0.74 -5.53 17.03
N ASP B 38 -1.00 -6.76 17.48
CA ASP B 38 -0.06 -7.52 18.30
C ASP B 38 0.14 -8.86 17.60
N LEU B 39 1.37 -9.36 17.60
CA LEU B 39 1.62 -10.75 17.23
C LEU B 39 1.68 -11.58 18.52
N LEU B 40 1.10 -12.78 18.48
CA LEU B 40 0.96 -13.63 19.68
C LEU B 40 1.66 -14.94 19.48
N LYS B 41 2.40 -15.40 20.51
CA LYS B 41 3.05 -16.71 20.43
C LYS B 41 2.44 -17.43 21.62
N ASN B 42 1.65 -18.47 21.35
CA ASN B 42 0.93 -19.19 22.40
C ASN B 42 0.12 -18.23 23.25
N GLY B 43 -0.61 -17.33 22.58
CA GLY B 43 -1.55 -16.44 23.25
C GLY B 43 -0.90 -15.24 23.92
N GLU B 44 0.43 -15.20 23.90
CA GLU B 44 1.15 -14.13 24.58
C GLU B 44 1.79 -13.15 23.60
N ARG B 45 1.72 -11.87 23.91
CA ARG B 45 2.21 -10.86 22.97
C ARG B 45 3.71 -10.89 22.81
N ILE B 46 4.17 -10.90 21.56
CA ILE B 46 5.57 -10.92 21.23
C ILE B 46 6.16 -9.49 21.31
N GLU B 47 7.34 -9.33 21.91
CA GLU B 47 7.87 -7.99 22.12
C GLU B 47 8.63 -7.49 20.90
N LYS B 48 8.70 -6.17 20.75
CA LYS B 48 9.62 -5.55 19.77
C LYS B 48 9.29 -5.94 18.30
N VAL B 49 8.00 -6.09 18.02
CA VAL B 49 7.51 -6.40 16.66
C VAL B 49 7.76 -5.11 15.88
N GLU B 50 8.11 -5.20 14.59
CA GLU B 50 8.34 -3.97 13.82
C GLU B 50 7.16 -3.79 12.87
N HIS B 51 6.99 -2.59 12.30
CA HIS B 51 5.89 -2.42 11.35
C HIS B 51 6.31 -1.45 10.25
N SER B 52 5.66 -1.55 9.08
CA SER B 52 6.02 -0.69 7.96
C SER B 52 5.52 0.75 8.19
N ASP B 53 5.94 1.69 7.31
CA ASP B 53 5.47 3.08 7.40
C ASP B 53 4.09 3.16 6.75
N LEU B 54 3.22 3.87 7.42
CA LEU B 54 1.83 3.97 7.01
C LEU B 54 1.73 4.49 5.59
N SER B 55 0.93 3.78 4.80
CA SER B 55 0.66 4.18 3.45
C SER B 55 -0.76 3.76 3.17
N PHE B 56 -1.17 3.96 1.92
CA PHE B 56 -2.56 3.75 1.57
C PHE B 56 -2.73 3.44 0.12
N SER B 57 -3.85 2.78 -0.14
CA SER B 57 -4.22 2.33 -1.49
C SER B 57 -4.98 3.36 -2.29
N LYS B 58 -5.23 3.03 -3.57
CA LYS B 58 -5.94 4.00 -4.45
C LYS B 58 -7.29 4.43 -3.97
N ASP B 59 -7.94 3.58 -3.16
CA ASP B 59 -9.26 3.91 -2.60
C ASP B 59 -9.15 4.57 -1.23
N TRP B 60 -7.93 5.01 -0.92
CA TRP B 60 -7.57 5.76 0.29
C TRP B 60 -7.50 4.92 1.54
N SER B 61 -7.80 3.62 1.47
CA SER B 61 -7.76 2.86 2.74
C SER B 61 -6.31 2.51 3.07
N PHE B 62 -6.03 2.35 4.37
CA PHE B 62 -4.64 2.21 4.81
C PHE B 62 -4.20 0.80 4.83
N TYR B 63 -2.87 0.59 4.76
CA TYR B 63 -2.29 -0.74 5.02
C TYR B 63 -1.00 -0.64 5.82
N LEU B 64 -0.74 -1.67 6.63
CA LEU B 64 0.48 -1.83 7.41
C LEU B 64 0.89 -3.31 7.44
N LEU B 65 2.19 -3.55 7.47
CA LEU B 65 2.74 -4.90 7.69
C LEU B 65 3.43 -4.89 9.07
N TYR B 66 3.01 -5.77 9.98
CA TYR B 66 3.71 -5.96 11.26
C TYR B 66 4.49 -7.28 11.13
N TYR B 67 5.71 -7.36 11.64
CA TYR B 67 6.49 -8.59 11.36
C TYR B 67 7.48 -8.82 12.47
N THR B 68 7.86 -10.08 12.67
CA THR B 68 8.90 -10.34 13.66
C THR B 68 9.63 -11.60 13.23
N GLU B 69 10.92 -11.72 13.53
CA GLU B 69 11.67 -12.98 13.31
C GLU B 69 11.05 -14.08 14.16
N PHE B 70 10.93 -15.28 13.62
CA PHE B 70 10.50 -16.38 14.49
C PHE B 70 11.04 -17.73 13.98
N THR B 71 11.03 -18.74 14.84
CA THR B 71 11.45 -20.09 14.44
C THR B 71 10.32 -21.05 14.73
N PRO B 72 9.58 -21.41 13.68
CA PRO B 72 8.41 -22.27 13.79
C PRO B 72 8.82 -23.59 14.43
N THR B 73 7.98 -24.13 15.31
CA THR B 73 8.15 -25.50 15.80
C THR B 73 6.77 -26.15 15.66
N GLU B 74 6.71 -27.48 15.85
CA GLU B 74 5.45 -28.20 15.82
C GLU B 74 4.47 -27.76 16.89
N LYS B 75 5.01 -27.35 18.04
CA LYS B 75 4.20 -27.13 19.24
C LYS B 75 3.54 -25.75 19.18
N ASP B 76 4.38 -24.73 19.00
CA ASP B 76 4.00 -23.33 19.17
C ASP B 76 2.93 -22.86 18.20
N GLU B 77 1.98 -22.09 18.74
CA GLU B 77 0.83 -21.58 17.98
C GLU B 77 1.08 -20.09 17.79
N TYR B 78 0.81 -19.56 16.59
CA TYR B 78 0.99 -18.12 16.36
C TYR B 78 -0.30 -17.49 15.92
N ALA B 79 -0.48 -16.21 16.28
CA ALA B 79 -1.67 -15.49 15.84
C ALA B 79 -1.40 -13.99 15.70
N CYS B 80 -2.32 -13.28 15.03
CA CYS B 80 -2.28 -11.82 15.02
C CYS B 80 -3.54 -11.33 15.74
N ARG B 81 -3.43 -10.29 16.57
CA ARG B 81 -4.61 -9.73 17.24
C ARG B 81 -4.74 -8.25 16.92
N VAL B 82 -5.89 -7.88 16.37
CA VAL B 82 -6.10 -6.54 15.83
C VAL B 82 -7.28 -5.85 16.51
N ASN B 83 -7.05 -4.61 16.94
CA ASN B 83 -8.17 -3.75 17.31
C ASN B 83 -8.20 -2.48 16.47
N HIS B 84 -9.39 -1.93 16.32
CA HIS B 84 -9.62 -0.77 15.46
C HIS B 84 -10.95 -0.20 15.95
N VAL B 85 -11.20 1.06 15.67
CA VAL B 85 -12.47 1.67 16.09
C VAL B 85 -13.72 0.89 15.58
N THR B 86 -13.65 0.26 14.42
CA THR B 86 -14.77 -0.41 13.80
C THR B 86 -15.04 -1.75 14.51
N LEU B 87 -14.17 -2.14 15.44
CA LEU B 87 -14.32 -3.46 16.05
C LEU B 87 -14.64 -3.37 17.55
N SER B 88 -15.68 -4.13 17.93
CA SER B 88 -16.20 -4.15 19.28
C SER B 88 -15.19 -4.75 20.21
N GLN B 89 -14.51 -5.78 19.73
CA GLN B 89 -13.47 -6.39 20.54
C GLN B 89 -12.35 -6.79 19.60
N PRO B 90 -11.13 -7.04 20.14
CA PRO B 90 -10.00 -7.41 19.29
C PRO B 90 -10.34 -8.63 18.49
N LYS B 91 -9.94 -8.66 17.23
CA LYS B 91 -10.19 -9.82 16.37
C LYS B 91 -8.86 -10.59 16.34
N ILE B 92 -8.93 -11.92 16.50
CA ILE B 92 -7.71 -12.73 16.49
C ILE B 92 -7.76 -13.63 15.26
N VAL B 93 -6.72 -13.61 14.44
CA VAL B 93 -6.61 -14.51 13.30
C VAL B 93 -5.41 -15.42 13.52
N LYS B 94 -5.63 -16.73 13.44
CA LYS B 94 -4.55 -17.70 13.73
C LYS B 94 -3.74 -18.01 12.51
N TRP B 95 -2.44 -18.21 12.69
CA TRP B 95 -1.61 -18.62 11.58
C TRP B 95 -1.88 -20.10 11.25
N ASP B 96 -2.09 -20.40 9.98
CA ASP B 96 -2.33 -21.76 9.51
C ASP B 96 -1.30 -22.04 8.41
N ARG B 97 -0.25 -22.81 8.68
CA ARG B 97 0.81 -23.01 7.67
C ARG B 97 0.34 -23.32 6.21
N LEU C 1 11.88 12.98 -5.80
CA LEU C 1 11.94 14.33 -5.21
C LEU C 1 10.52 14.85 -5.08
N THR C 2 10.16 15.33 -3.88
CA THR C 2 8.79 15.79 -3.61
C THR C 2 8.48 17.13 -4.27
N VAL C 3 7.19 17.42 -4.45
CA VAL C 3 6.79 18.75 -4.93
C VAL C 3 6.87 19.83 -3.86
N GLN C 4 7.30 21.06 -4.23
CA GLN C 4 7.45 22.16 -3.24
C GLN C 4 6.17 22.92 -3.02
N VAL C 5 5.32 22.98 -4.04
CA VAL C 5 4.05 23.66 -3.83
C VAL C 5 3.34 22.82 -2.77
N ALA C 6 3.13 23.35 -1.57
CA ALA C 6 2.02 22.79 -0.78
C ALA C 6 1.02 23.95 -0.70
N ARG C 7 -0.20 23.74 -1.21
CA ARG C 7 -1.17 24.82 -1.39
C ARG C 7 -2.20 24.82 -0.30
N VAL C 8 -2.63 26.03 0.12
CA VAL C 8 -3.66 26.16 1.18
C VAL C 8 -5.03 25.95 0.58
N TYR C 9 -5.92 25.27 1.29
CA TYR C 9 -7.30 24.96 0.85
C TYR C 9 -8.27 26.17 0.80
#